data_6U0Q
#
_entry.id   6U0Q
#
_cell.length_a   43.090
_cell.length_b   85.840
_cell.length_c   64.250
_cell.angle_alpha   90.000
_cell.angle_beta   90.000
_cell.angle_gamma   90.000
#
_symmetry.space_group_name_H-M   'P 21 21 2'
#
loop_
_entity.id
_entity.type
_entity.pdbx_description
1 polymer Transthyretin
2 non-polymer 3-[(~{E})-2-[7,7-bis(oxidanyl)-9-oxidanylidene-8-oxa-7-boranuidabicyclo[4.3.0]nona-1,3,5-trien-3-yl]ethenyl]-7,7-bis(oxidanyl)-8-oxa-7-boranuidabicyclo[4.3.0]nona-1(6),2,4-trien-9-one
3 water water
#
_entity_poly.entity_id   1
_entity_poly.type   'polypeptide(L)'
_entity_poly.pdbx_seq_one_letter_code
;MGPTGTGESKCPLMVKVLDAVRGSPAINVAVHVFRKAADDTWEPFASGKTSESGELHGLTTEEEFVEGIYKVEIDTKSYW
KALGISPFHEHAEVVFTANDSGPRRYTIAALLSPYSYSTTAVVTNPKE
;
_entity_poly.pdbx_strand_id   A,B
#
loop_
_chem_comp.id
_chem_comp.type
_chem_comp.name
_chem_comp.formula
S2B non-polymer 3-[(~{E})-2-[7,7-bis(oxidanyl)-9-oxidanylidene-8-oxa-7-boranuidabicyclo[4.3.0]nona-1,3,5-trien-3-yl]ethenyl]-7,7-bis(oxidanyl)-8-oxa-7-boranuidabicyclo[4.3.0]nona-1(6),2,4-trien-9-one 'C16 H12 B2 O8 -2'
#
# COMPACT_ATOMS: atom_id res chain seq x y z
N CYS A 11 2.19 22.03 -10.80
CA CYS A 11 1.58 20.84 -10.22
C CYS A 11 2.65 19.81 -9.87
N PRO A 12 3.27 19.96 -8.69
CA PRO A 12 4.31 19.01 -8.32
C PRO A 12 3.81 17.61 -8.02
N LEU A 13 2.52 17.44 -7.71
CA LEU A 13 1.97 16.16 -7.25
C LEU A 13 0.59 15.95 -7.86
N MET A 14 0.43 14.85 -8.62
CA MET A 14 -0.84 14.48 -9.22
C MET A 14 -1.14 13.02 -8.88
N VAL A 15 -2.41 12.70 -8.75
CA VAL A 15 -2.86 11.34 -8.44
C VAL A 15 -3.83 10.90 -9.51
N LYS A 16 -3.67 9.67 -10.02
CA LYS A 16 -4.53 9.13 -11.06
C LYS A 16 -4.97 7.75 -10.63
N VAL A 17 -6.27 7.46 -10.71
CA VAL A 17 -6.83 6.20 -10.24
C VAL A 17 -7.66 5.58 -11.35
N LEU A 18 -7.44 4.28 -11.60
CA LEU A 18 -8.12 3.53 -12.65
C LEU A 18 -8.84 2.33 -12.07
N ASP A 19 -9.91 1.90 -12.75
CA ASP A 19 -10.77 0.80 -12.33
C ASP A 19 -10.56 -0.35 -13.32
N ALA A 20 -10.02 -1.47 -12.83
CA ALA A 20 -9.65 -2.64 -13.63
C ALA A 20 -10.83 -3.57 -13.89
N VAL A 21 -11.94 -3.40 -13.19
CA VAL A 21 -13.14 -4.19 -13.40
C VAL A 21 -13.98 -3.61 -14.54
N ARG A 22 -14.09 -2.29 -14.60
CA ARG A 22 -14.91 -1.64 -15.61
C ARG A 22 -14.08 -1.04 -16.75
N GLY A 23 -12.75 -1.00 -16.63
CA GLY A 23 -11.92 -0.41 -17.66
C GLY A 23 -12.17 1.07 -17.85
N SER A 24 -12.10 1.83 -16.76
CA SER A 24 -12.50 3.24 -16.78
C SER A 24 -11.72 3.99 -15.73
N PRO A 25 -11.67 5.32 -15.81
CA PRO A 25 -11.20 6.09 -14.66
C PRO A 25 -12.05 5.75 -13.44
N ALA A 26 -11.43 5.85 -12.26
CA ALA A 26 -12.13 5.71 -11.00
C ALA A 26 -12.53 7.11 -10.54
N ILE A 27 -13.82 7.41 -10.65
CA ILE A 27 -14.37 8.76 -10.50
C ILE A 27 -14.89 8.97 -9.08
N ASN A 28 -14.69 10.17 -8.55
CA ASN A 28 -15.23 10.57 -7.25
C ASN A 28 -14.67 9.75 -6.10
N VAL A 29 -13.40 9.40 -6.20
CA VAL A 29 -12.70 8.67 -5.14
C VAL A 29 -12.02 9.69 -4.25
N ALA A 30 -12.21 9.56 -2.94
CA ALA A 30 -11.55 10.47 -2.00
C ALA A 30 -10.10 10.07 -1.83
N VAL A 31 -9.24 11.09 -1.79
CA VAL A 31 -7.79 10.92 -1.66
C VAL A 31 -7.29 11.90 -0.61
N HIS A 32 -6.56 11.39 0.39
CA HIS A 32 -5.96 12.23 1.43
C HIS A 32 -4.45 12.10 1.41
N VAL A 33 -3.75 13.24 1.43
CA VAL A 33 -2.29 13.27 1.50
C VAL A 33 -1.88 13.75 2.88
N PHE A 34 -0.88 13.08 3.46
CA PHE A 34 -0.37 13.39 4.79
C PHE A 34 1.14 13.58 4.69
N ARG A 35 1.65 14.47 5.54
CA ARG A 35 3.14 14.68 5.74
C ARG A 35 3.74 14.25 7.15
N LYS A 36 4.73 13.37 7.03
CA LYS A 36 5.21 12.84 8.31
C LYS A 36 5.86 13.95 9.11
N ALA A 37 5.42 14.11 10.36
CA ALA A 37 5.91 15.15 11.25
C ALA A 37 7.10 14.64 12.07
N ALA A 38 7.79 15.57 12.75
CA ALA A 38 9.03 15.24 13.43
C ALA A 38 8.86 14.17 14.49
N ASP A 39 7.67 14.09 15.11
CA ASP A 39 7.36 13.08 16.12
C ASP A 39 6.76 11.81 15.53
N ASP A 40 6.85 11.62 14.22
CA ASP A 40 6.41 10.42 13.49
C ASP A 40 4.90 10.31 13.32
N THR A 41 4.11 11.31 13.71
CA THR A 41 2.68 11.24 13.40
C THR A 41 2.43 11.73 11.97
N TRP A 42 1.26 11.40 11.46
CA TRP A 42 0.88 11.77 10.09
C TRP A 42 -0.02 12.99 10.13
N GLU A 43 0.45 14.11 9.53
CA GLU A 43 -0.28 15.38 9.58
CA GLU A 43 -0.31 15.35 9.59
C GLU A 43 -1.02 15.62 8.27
N PRO A 44 -2.31 15.92 8.31
CA PRO A 44 -3.03 16.25 7.08
C PRO A 44 -2.28 17.31 6.28
N PHE A 45 -2.25 17.11 4.96
CA PHE A 45 -1.46 17.97 4.07
C PHE A 45 -2.31 18.52 2.93
N ALA A 46 -3.09 17.67 2.26
CA ALA A 46 -3.97 18.06 1.17
C ALA A 46 -4.92 16.91 0.91
N SER A 47 -6.07 17.21 0.28
CA SER A 47 -7.03 16.16 -0.07
C SER A 47 -7.97 16.64 -1.17
N GLY A 48 -8.72 15.70 -1.74
CA GLY A 48 -9.72 16.03 -2.74
C GLY A 48 -10.39 14.76 -3.25
N LYS A 49 -11.15 14.91 -4.35
CA LYS A 49 -11.83 13.79 -4.99
C LYS A 49 -11.41 13.68 -6.45
N THR A 50 -11.20 12.45 -6.95
CA THR A 50 -10.81 12.34 -8.35
C THR A 50 -11.93 12.86 -9.26
N SER A 51 -11.53 13.41 -10.39
CA SER A 51 -12.37 14.00 -11.41
C SER A 51 -12.99 12.92 -12.29
N GLU A 52 -13.76 13.36 -13.29
CA GLU A 52 -14.33 12.44 -14.29
CA GLU A 52 -14.32 12.43 -14.27
C GLU A 52 -13.25 11.71 -15.09
N SER A 53 -12.02 12.21 -15.10
CA SER A 53 -10.95 11.48 -15.78
C SER A 53 -10.11 10.68 -14.80
N GLY A 54 -10.57 10.52 -13.56
CA GLY A 54 -9.82 9.78 -12.56
C GLY A 54 -8.64 10.50 -11.96
N GLU A 55 -8.52 11.82 -12.15
CA GLU A 55 -7.33 12.56 -11.78
C GLU A 55 -7.66 13.58 -10.68
N LEU A 56 -6.66 13.85 -9.86
CA LEU A 56 -6.78 14.89 -8.84
C LEU A 56 -5.56 15.80 -8.97
N HIS A 57 -5.81 17.03 -9.43
CA HIS A 57 -4.80 18.05 -9.63
C HIS A 57 -4.94 19.12 -8.54
N GLY A 58 -3.94 19.98 -8.45
CA GLY A 58 -4.06 21.12 -7.57
C GLY A 58 -3.89 20.82 -6.11
N LEU A 59 -3.32 19.66 -5.77
CA LEU A 59 -3.15 19.29 -4.36
C LEU A 59 -2.19 20.22 -3.63
N THR A 60 -1.09 20.60 -4.26
CA THR A 60 -0.10 21.40 -3.55
C THR A 60 0.62 22.31 -4.54
N THR A 61 1.57 23.10 -4.03
CA THR A 61 2.35 24.01 -4.84
C THR A 61 3.83 23.70 -4.65
N GLU A 62 4.68 24.18 -5.56
CA GLU A 62 6.10 23.90 -5.40
C GLU A 62 6.64 24.49 -4.09
N GLU A 63 6.15 25.67 -3.69
CA GLU A 63 6.65 26.24 -2.44
C GLU A 63 6.34 25.32 -1.25
N GLU A 64 5.15 24.73 -1.22
CA GLU A 64 4.73 23.97 -0.05
C GLU A 64 5.27 22.53 -0.06
N PHE A 65 5.57 21.97 -1.23
CA PHE A 65 5.91 20.54 -1.35
C PHE A 65 7.41 20.33 -1.12
N VAL A 66 7.81 20.46 0.14
CA VAL A 66 9.23 20.33 0.49
C VAL A 66 9.60 18.85 0.65
N GLU A 67 10.91 18.57 0.66
CA GLU A 67 11.37 17.21 0.91
C GLU A 67 10.81 16.68 2.23
N GLY A 68 10.62 15.38 2.30
CA GLY A 68 9.98 14.77 3.45
C GLY A 68 9.31 13.48 3.03
N ILE A 69 8.74 12.78 4.01
CA ILE A 69 7.98 11.54 3.76
C ILE A 69 6.50 11.87 3.68
N TYR A 70 5.81 11.32 2.67
CA TYR A 70 4.41 11.63 2.40
C TYR A 70 3.65 10.33 2.24
N LYS A 71 2.36 10.38 2.61
CA LYS A 71 1.47 9.23 2.48
C LYS A 71 0.24 9.68 1.70
N VAL A 72 -0.07 8.94 0.63
CA VAL A 72 -1.28 9.15 -0.15
C VAL A 72 -2.24 8.00 0.18
N GLU A 73 -3.39 8.32 0.75
CA GLU A 73 -4.41 7.32 1.12
C GLU A 73 -5.59 7.46 0.17
N ILE A 74 -5.93 6.36 -0.52
CA ILE A 74 -7.00 6.33 -1.51
C ILE A 74 -8.15 5.51 -0.90
N ASP A 75 -9.33 6.10 -0.76
CA ASP A 75 -10.44 5.43 -0.06
CA ASP A 75 -10.42 5.43 -0.05
C ASP A 75 -11.13 4.48 -1.04
N THR A 76 -10.46 3.34 -1.27
CA THR A 76 -10.95 2.34 -2.21
C THR A 76 -12.20 1.64 -1.69
N LYS A 77 -12.33 1.47 -0.36
CA LYS A 77 -13.45 0.70 0.16
C LYS A 77 -14.79 1.36 -0.21
N SER A 78 -14.91 2.67 0.01
CA SER A 78 -16.14 3.39 -0.35
C SER A 78 -16.42 3.33 -1.85
N TYR A 79 -15.37 3.40 -2.66
CA TYR A 79 -15.56 3.34 -4.11
C TYR A 79 -16.24 2.03 -4.51
N TRP A 80 -15.73 0.90 -4.01
CA TRP A 80 -16.30 -0.40 -4.38
C TRP A 80 -17.71 -0.55 -3.81
N LYS A 81 -17.90 -0.16 -2.55
CA LYS A 81 -19.24 -0.29 -1.96
C LYS A 81 -20.29 0.48 -2.75
N ALA A 82 -19.93 1.67 -3.26
CA ALA A 82 -20.85 2.46 -4.07
C ALA A 82 -21.24 1.74 -5.35
N LEU A 83 -20.42 0.82 -5.82
CA LEU A 83 -20.68 0.00 -7.00
C LEU A 83 -21.35 -1.31 -6.64
N GLY A 84 -21.65 -1.55 -5.36
CA GLY A 84 -22.24 -2.81 -4.96
C GLY A 84 -21.29 -3.98 -4.88
N ILE A 85 -19.98 -3.75 -4.82
CA ILE A 85 -18.99 -4.83 -4.78
C ILE A 85 -18.30 -4.84 -3.42
N SER A 86 -18.12 -6.04 -2.86
CA SER A 86 -17.47 -6.17 -1.56
C SER A 86 -15.96 -6.22 -1.75
N PRO A 87 -15.21 -5.27 -1.22
CA PRO A 87 -13.76 -5.28 -1.46
C PRO A 87 -12.98 -5.78 -0.26
N PHE A 88 -11.69 -6.00 -0.46
CA PHE A 88 -10.81 -6.56 0.56
C PHE A 88 -10.18 -5.46 1.43
N HIS A 89 -9.61 -4.45 0.80
CA HIS A 89 -8.79 -3.45 1.51
C HIS A 89 -9.65 -2.36 2.15
N GLU A 90 -9.17 -1.84 3.29
CA GLU A 90 -9.78 -0.65 3.87
C GLU A 90 -9.50 0.57 3.00
N HIS A 91 -8.30 0.67 2.47
CA HIS A 91 -7.91 1.72 1.55
C HIS A 91 -6.59 1.29 0.94
N ALA A 92 -6.12 2.05 -0.03
CA ALA A 92 -4.78 1.88 -0.57
C ALA A 92 -3.89 2.99 -0.05
N GLU A 93 -2.66 2.64 0.32
CA GLU A 93 -1.70 3.58 0.91
C GLU A 93 -0.44 3.58 0.06
N VAL A 94 0.05 4.78 -0.27
CA VAL A 94 1.28 4.93 -1.02
C VAL A 94 2.18 5.86 -0.22
N VAL A 95 3.31 5.34 0.25
CA VAL A 95 4.19 6.08 1.18
C VAL A 95 5.56 6.21 0.52
N PHE A 96 6.05 7.45 0.42
CA PHE A 96 7.25 7.71 -0.35
C PHE A 96 7.95 8.96 0.18
N THR A 97 9.24 9.09 -0.16
CA THR A 97 10.02 10.29 0.16
C THR A 97 10.12 11.20 -1.06
N ALA A 98 9.80 12.48 -0.87
CA ALA A 98 10.02 13.46 -1.93
C ALA A 98 11.47 13.90 -1.87
N ASN A 99 12.15 13.92 -3.02
CA ASN A 99 13.60 14.17 -3.08
CA ASN A 99 13.60 14.16 -3.09
C ASN A 99 13.88 15.23 -4.15
N ASP A 100 14.52 16.33 -3.73
CA ASP A 100 14.76 17.44 -4.64
C ASP A 100 15.77 17.09 -5.73
N SER A 101 16.72 16.20 -5.43
CA SER A 101 17.66 15.71 -6.43
C SER A 101 16.91 15.29 -7.67
N GLY A 102 16.09 14.25 -7.56
CA GLY A 102 15.35 13.71 -8.69
C GLY A 102 14.41 14.70 -9.35
N PRO A 103 13.82 14.30 -10.50
CA PRO A 103 12.91 15.20 -11.24
C PRO A 103 11.80 15.77 -10.38
N ARG A 104 11.07 16.76 -10.91
CA ARG A 104 10.30 17.64 -10.05
C ARG A 104 8.80 17.37 -10.03
N ARG A 105 8.25 16.58 -10.96
CA ARG A 105 6.82 16.32 -10.94
C ARG A 105 6.54 14.85 -10.66
N TYR A 106 5.66 14.60 -9.69
CA TYR A 106 5.32 13.25 -9.23
C TYR A 106 3.90 12.91 -9.63
N THR A 107 3.73 11.83 -10.40
CA THR A 107 2.41 11.26 -10.64
C THR A 107 2.33 9.94 -9.90
N ILE A 108 1.37 9.84 -8.98
CA ILE A 108 1.10 8.59 -8.27
C ILE A 108 -0.11 7.97 -8.96
N ALA A 109 0.08 6.83 -9.63
CA ALA A 109 -1.00 6.14 -10.31
C ALA A 109 -1.37 4.87 -9.55
N ALA A 110 -2.66 4.54 -9.51
CA ALA A 110 -3.14 3.34 -8.85
C ALA A 110 -4.21 2.67 -9.71
N LEU A 111 -4.10 1.36 -9.86
CA LEU A 111 -5.04 0.54 -10.61
C LEU A 111 -5.78 -0.36 -9.62
N LEU A 112 -7.10 -0.26 -9.56
CA LEU A 112 -7.91 -0.89 -8.53
C LEU A 112 -8.70 -2.11 -9.02
N SER A 113 -8.64 -3.20 -8.24
CA SER A 113 -9.53 -4.35 -8.31
C SER A 113 -10.07 -4.65 -6.93
N PRO A 114 -11.15 -5.45 -6.80
CA PRO A 114 -11.72 -5.66 -5.47
C PRO A 114 -10.75 -6.29 -4.46
N TYR A 115 -9.91 -7.24 -4.89
CA TYR A 115 -8.96 -7.91 -4.01
C TYR A 115 -7.51 -7.61 -4.35
N SER A 116 -7.24 -6.54 -5.10
CA SER A 116 -5.87 -6.24 -5.47
CA SER A 116 -5.87 -6.24 -5.49
C SER A 116 -5.75 -4.78 -5.86
N TYR A 117 -4.54 -4.22 -5.69
CA TYR A 117 -4.25 -2.96 -6.34
C TYR A 117 -2.77 -2.89 -6.66
N SER A 118 -2.47 -2.07 -7.65
N SER A 118 -2.46 -2.08 -7.66
CA SER A 118 -1.12 -1.85 -8.10
CA SER A 118 -1.09 -1.87 -8.11
C SER A 118 -0.89 -0.34 -8.12
C SER A 118 -0.85 -0.38 -8.27
N THR A 119 0.34 0.07 -7.88
CA THR A 119 0.65 1.49 -7.91
C THR A 119 2.05 1.69 -8.46
N THR A 120 2.22 2.77 -9.21
CA THR A 120 3.51 3.11 -9.76
CA THR A 120 3.51 3.13 -9.77
C THR A 120 3.69 4.63 -9.65
N ALA A 121 4.94 5.06 -9.69
CA ALA A 121 5.29 6.46 -9.62
C ALA A 121 5.91 6.84 -10.95
N VAL A 122 5.47 7.95 -11.51
CA VAL A 122 6.04 8.51 -12.74
C VAL A 122 6.61 9.86 -12.35
N VAL A 123 7.93 9.98 -12.39
CA VAL A 123 8.63 11.14 -11.88
C VAL A 123 9.35 11.78 -13.05
N THR A 124 8.96 13.00 -13.41
CA THR A 124 9.48 13.61 -14.63
C THR A 124 9.88 15.06 -14.37
N ASN A 125 10.58 15.63 -15.34
CA ASN A 125 10.98 17.04 -15.29
C ASN A 125 10.16 17.88 -16.27
N CYS B 11 -2.09 -22.31 9.19
CA CYS B 11 -1.49 -21.02 8.92
C CYS B 11 -2.55 -20.04 8.43
N PRO B 12 -3.10 -19.24 9.36
CA PRO B 12 -4.18 -18.31 8.99
C PRO B 12 -3.72 -17.07 8.22
N LEU B 13 -2.45 -16.70 8.29
CA LEU B 13 -1.96 -15.50 7.60
C LEU B 13 -0.57 -15.83 7.04
N MET B 14 -0.39 -15.69 5.71
CA MET B 14 0.89 -15.95 5.08
C MET B 14 1.18 -14.81 4.12
N VAL B 15 2.47 -14.51 3.91
CA VAL B 15 2.87 -13.42 3.02
C VAL B 15 3.86 -13.99 2.01
N LYS B 16 3.66 -13.67 0.73
CA LYS B 16 4.54 -14.11 -0.35
C LYS B 16 4.97 -12.90 -1.15
N VAL B 17 6.27 -12.79 -1.44
CA VAL B 17 6.80 -11.61 -2.12
C VAL B 17 7.69 -12.07 -3.27
N LEU B 18 7.50 -11.47 -4.44
CA LEU B 18 8.29 -11.74 -5.64
C LEU B 18 9.02 -10.47 -6.10
N ASP B 19 10.17 -10.68 -6.76
CA ASP B 19 11.00 -9.61 -7.32
C ASP B 19 10.82 -9.60 -8.85
N ALA B 20 10.25 -8.49 -9.38
CA ALA B 20 9.95 -8.35 -10.81
C ALA B 20 11.16 -7.94 -11.66
N VAL B 21 12.26 -7.51 -11.03
CA VAL B 21 13.51 -7.19 -11.72
C VAL B 21 14.33 -8.45 -11.97
N ARG B 22 14.41 -9.32 -10.96
CA ARG B 22 15.22 -10.53 -11.03
C ARG B 22 14.46 -11.76 -11.50
N GLY B 23 13.12 -11.73 -11.44
CA GLY B 23 12.32 -12.92 -11.77
C GLY B 23 12.58 -14.02 -10.76
N SER B 24 12.49 -13.69 -9.48
CA SER B 24 12.78 -14.64 -8.40
CA SER B 24 12.77 -14.64 -8.41
C SER B 24 11.91 -14.28 -7.21
N PRO B 25 11.82 -15.21 -6.25
CA PRO B 25 11.30 -14.82 -4.92
C PRO B 25 12.11 -13.64 -4.37
N ALA B 26 11.46 -12.81 -3.56
CA ALA B 26 12.16 -11.73 -2.86
C ALA B 26 12.50 -12.24 -1.46
N ILE B 27 13.80 -12.47 -1.22
CA ILE B 27 14.28 -13.19 -0.06
C ILE B 27 14.65 -12.17 1.02
N ASN B 28 14.42 -12.52 2.29
CA ASN B 28 14.87 -11.70 3.41
CA ASN B 28 14.86 -11.70 3.42
C ASN B 28 14.15 -10.34 3.48
N VAL B 29 12.89 -10.31 3.06
CA VAL B 29 12.07 -9.10 3.15
C VAL B 29 11.46 -9.06 4.55
N ALA B 30 11.70 -7.98 5.29
CA ALA B 30 11.08 -7.82 6.59
C ALA B 30 9.61 -7.45 6.45
N VAL B 31 8.77 -8.03 7.32
CA VAL B 31 7.33 -7.79 7.33
C VAL B 31 6.89 -7.55 8.77
N HIS B 32 6.15 -6.46 9.01
CA HIS B 32 5.60 -6.13 10.32
C HIS B 32 4.08 -6.09 10.21
N VAL B 33 3.39 -6.81 11.09
CA VAL B 33 1.93 -6.81 11.11
C VAL B 33 1.46 -6.04 12.33
N PHE B 34 0.46 -5.18 12.14
CA PHE B 34 -0.15 -4.42 13.22
C PHE B 34 -1.64 -4.68 13.27
N ARG B 35 -2.25 -4.44 14.43
CA ARG B 35 -3.71 -4.60 14.60
C ARG B 35 -4.27 -3.35 15.27
N LYS B 36 -5.36 -2.81 14.75
CA LYS B 36 -5.91 -1.59 15.32
C LYS B 36 -6.51 -1.86 16.71
N ALA B 37 -6.09 -1.07 17.71
CA ALA B 37 -6.55 -1.28 19.08
C ALA B 37 -7.82 -0.48 19.34
N ALA B 38 -8.38 -0.68 20.54
CA ALA B 38 -9.64 -0.04 20.88
C ALA B 38 -9.52 1.48 20.86
N ASP B 39 -8.32 2.02 21.08
CA ASP B 39 -8.10 3.46 21.06
C ASP B 39 -7.70 3.99 19.68
N ASP B 40 -7.81 3.18 18.64
CA ASP B 40 -7.55 3.57 17.25
C ASP B 40 -6.07 3.65 16.90
N THR B 41 -5.17 3.20 17.76
CA THR B 41 -3.76 3.14 17.42
C THR B 41 -3.40 1.75 16.86
N TRP B 42 -2.26 1.69 16.19
CA TRP B 42 -1.77 0.46 15.58
C TRP B 42 -0.88 -0.30 16.55
N GLU B 43 -1.38 -1.40 17.11
CA GLU B 43 -0.56 -2.17 18.05
C GLU B 43 0.27 -3.21 17.30
N PRO B 44 1.55 -3.39 17.65
CA PRO B 44 2.34 -4.45 17.00
CA PRO B 44 2.34 -4.45 17.00
C PRO B 44 1.71 -5.81 17.25
N PHE B 45 1.59 -6.60 16.18
CA PHE B 45 0.91 -7.89 16.26
C PHE B 45 1.83 -9.07 16.00
N ALA B 46 2.64 -9.02 14.94
CA ALA B 46 3.61 -10.08 14.66
C ALA B 46 4.58 -9.55 13.63
N SER B 47 5.74 -10.19 13.52
CA SER B 47 6.66 -9.81 12.44
C SER B 47 7.54 -10.99 12.06
N GLY B 48 8.21 -10.87 10.92
CA GLY B 48 9.12 -11.90 10.44
C GLY B 48 9.79 -11.44 9.16
N LYS B 49 10.49 -12.36 8.55
CA LYS B 49 11.12 -12.09 7.21
C LYS B 49 10.94 -13.30 6.20
N THR B 50 10.83 -12.94 4.93
CA THR B 50 10.61 -13.99 3.94
C THR B 50 11.83 -14.92 3.81
N SER B 51 11.54 -16.18 3.50
CA SER B 51 12.52 -17.23 3.33
C SER B 51 13.13 -17.19 1.93
N GLU B 52 14.01 -18.17 1.66
CA GLU B 52 14.57 -18.34 0.31
C GLU B 52 13.50 -18.53 -0.75
N SER B 53 12.31 -18.98 -0.38
CA SER B 53 11.20 -19.14 -1.31
C SER B 53 10.34 -17.89 -1.43
N GLY B 54 10.71 -16.81 -0.75
CA GLY B 54 9.90 -15.60 -0.74
C GLY B 54 8.68 -15.68 0.15
N GLU B 55 8.55 -16.72 0.98
CA GLU B 55 7.38 -16.95 1.83
C GLU B 55 7.65 -16.69 3.30
N LEU B 56 6.61 -16.20 4.00
CA LEU B 56 6.66 -15.97 5.44
C LEU B 56 5.50 -16.71 6.07
N HIS B 57 5.82 -17.79 6.79
CA HIS B 57 4.85 -18.62 7.50
C HIS B 57 5.00 -18.43 9.01
N GLY B 58 3.98 -18.87 9.74
CA GLY B 58 4.06 -18.90 11.19
C GLY B 58 3.91 -17.57 11.88
N LEU B 59 3.37 -16.56 11.21
CA LEU B 59 3.17 -15.27 11.86
C LEU B 59 2.23 -15.38 13.06
N THR B 60 1.16 -16.16 12.96
CA THR B 60 0.15 -16.15 14.03
C THR B 60 -0.55 -17.51 14.10
N THR B 61 -1.55 -17.61 14.96
CA THR B 61 -2.29 -18.85 15.19
C THR B 61 -3.77 -18.57 15.02
N GLU B 62 -4.56 -19.62 14.83
CA GLU B 62 -6.00 -19.40 14.70
C GLU B 62 -6.57 -18.75 15.97
N GLU B 63 -6.04 -19.12 17.14
CA GLU B 63 -6.57 -18.54 18.39
C GLU B 63 -6.26 -17.05 18.49
N GLU B 64 -5.05 -16.64 18.12
CA GLU B 64 -4.69 -15.25 18.35
CA GLU B 64 -4.59 -15.26 18.30
C GLU B 64 -5.15 -14.32 17.24
N PHE B 65 -5.39 -14.84 16.04
CA PHE B 65 -5.81 -14.04 14.87
C PHE B 65 -7.32 -13.81 14.89
N VAL B 66 -7.74 -12.95 15.82
CA VAL B 66 -9.17 -12.65 16.04
C VAL B 66 -9.65 -11.63 15.00
N GLU B 67 -10.95 -11.33 15.03
CA GLU B 67 -11.47 -10.21 14.24
C GLU B 67 -10.68 -8.94 14.51
N GLY B 68 -10.49 -8.15 13.47
CA GLY B 68 -9.88 -6.84 13.66
C GLY B 68 -9.51 -6.23 12.32
N ILE B 69 -8.98 -5.02 12.40
CA ILE B 69 -8.39 -4.37 11.22
C ILE B 69 -6.88 -4.52 11.33
N TYR B 70 -6.28 -5.13 10.31
CA TYR B 70 -4.86 -5.46 10.32
C TYR B 70 -4.12 -4.65 9.26
N LYS B 71 -2.87 -4.32 9.55
CA LYS B 71 -1.99 -3.68 8.59
C LYS B 71 -0.75 -4.54 8.42
N VAL B 72 -0.49 -4.97 7.21
CA VAL B 72 0.72 -5.72 6.86
C VAL B 72 1.65 -4.74 6.15
N GLU B 73 2.77 -4.40 6.81
CA GLU B 73 3.77 -3.49 6.26
CA GLU B 73 3.77 -3.50 6.26
C GLU B 73 4.93 -4.32 5.72
N ILE B 74 5.17 -4.23 4.41
CA ILE B 74 6.26 -4.95 3.76
C ILE B 74 7.40 -3.95 3.54
N ASP B 75 8.58 -4.24 4.08
CA ASP B 75 9.65 -3.23 4.13
C ASP B 75 10.45 -3.25 2.82
N THR B 76 9.81 -2.71 1.77
CA THR B 76 10.39 -2.74 0.43
C THR B 76 11.63 -1.87 0.31
N LYS B 77 11.66 -0.70 0.98
CA LYS B 77 12.84 0.16 0.87
C LYS B 77 14.08 -0.54 1.42
N SER B 78 13.98 -1.14 2.61
CA SER B 78 15.13 -1.87 3.17
C SER B 78 15.56 -3.01 2.25
N TYR B 79 14.60 -3.71 1.62
CA TYR B 79 14.93 -4.74 0.66
C TYR B 79 15.75 -4.20 -0.51
N TRP B 80 15.24 -3.17 -1.20
CA TRP B 80 15.95 -2.65 -2.35
C TRP B 80 17.29 -2.03 -1.95
N LYS B 81 17.32 -1.32 -0.82
CA LYS B 81 18.57 -0.70 -0.38
C LYS B 81 19.61 -1.78 -0.06
N ALA B 82 19.23 -2.80 0.70
CA ALA B 82 20.13 -3.93 0.93
C ALA B 82 20.73 -4.48 -0.35
N LEU B 83 20.06 -4.28 -1.49
CA LEU B 83 20.61 -4.68 -2.80
C LEU B 83 21.29 -3.53 -3.52
N GLY B 84 21.52 -2.40 -2.83
CA GLY B 84 22.20 -1.27 -3.44
C GLY B 84 21.38 -0.48 -4.45
N ILE B 85 20.04 -0.57 -4.40
CA ILE B 85 19.15 0.14 -5.31
C ILE B 85 18.44 1.23 -4.50
N SER B 86 18.07 2.33 -5.17
CA SER B 86 17.39 3.45 -4.51
CA SER B 86 17.39 3.44 -4.51
C SER B 86 15.93 3.48 -4.95
N PRO B 87 15.01 2.93 -4.17
CA PRO B 87 13.62 2.79 -4.64
C PRO B 87 12.78 4.00 -4.26
N PHE B 88 11.56 4.01 -4.79
CA PHE B 88 10.65 5.14 -4.59
C PHE B 88 9.92 5.04 -3.25
N HIS B 89 9.31 3.89 -2.97
CA HIS B 89 8.40 3.77 -1.83
C HIS B 89 9.13 3.48 -0.53
N GLU B 90 8.54 3.93 0.59
CA GLU B 90 9.10 3.54 1.89
C GLU B 90 8.80 2.08 2.19
N HIS B 91 7.56 1.67 2.00
CA HIS B 91 7.18 0.27 2.16
C HIS B 91 5.86 0.09 1.42
N ALA B 92 5.37 -1.15 1.41
CA ALA B 92 4.05 -1.44 0.88
C ALA B 92 3.15 -1.75 2.06
N GLU B 93 2.00 -1.07 2.15
CA GLU B 93 1.05 -1.25 3.24
C GLU B 93 -0.19 -1.96 2.73
N VAL B 94 -0.65 -2.98 3.45
CA VAL B 94 -1.85 -3.71 3.07
C VAL B 94 -2.76 -3.71 4.28
N VAL B 95 -3.89 -3.00 4.21
CA VAL B 95 -4.75 -2.79 5.38
C VAL B 95 -6.11 -3.41 5.07
N PHE B 96 -6.60 -4.27 5.97
CA PHE B 96 -7.82 -5.01 5.71
C PHE B 96 -8.50 -5.46 7.02
N THR B 97 -9.82 -5.58 6.96
CA THR B 97 -10.60 -6.23 8.02
C THR B 97 -10.51 -7.73 7.84
N ALA B 98 -10.22 -8.47 8.92
CA ALA B 98 -10.08 -9.92 8.85
C ALA B 98 -11.08 -10.61 9.76
N ASN B 99 -11.58 -11.76 9.31
CA ASN B 99 -12.32 -12.73 10.13
C ASN B 99 -13.66 -12.20 10.63
N ASP B 100 -14.26 -11.25 9.95
CA ASP B 100 -15.52 -10.74 10.47
C ASP B 100 -16.75 -11.54 10.01
N SER B 101 -16.58 -12.55 9.15
CA SER B 101 -17.60 -13.59 8.97
C SER B 101 -17.07 -14.95 9.42
N GLY B 102 -16.30 -14.97 10.49
CA GLY B 102 -15.68 -16.20 10.95
C GLY B 102 -14.28 -16.33 10.40
N PRO B 103 -13.56 -17.34 10.89
CA PRO B 103 -12.14 -17.47 10.53
C PRO B 103 -11.94 -17.78 9.05
N ARG B 104 -10.98 -17.08 8.45
CA ARG B 104 -10.51 -17.37 7.10
C ARG B 104 -9.00 -17.49 7.10
N ARG B 105 -8.46 -18.06 6.02
CA ARG B 105 -7.03 -18.10 5.76
C ARG B 105 -6.68 -17.08 4.68
N TYR B 106 -5.68 -16.23 4.97
CA TYR B 106 -5.30 -15.13 4.10
C TYR B 106 -3.89 -15.31 3.60
N THR B 107 -3.70 -15.27 2.29
CA THR B 107 -2.37 -15.10 1.68
C THR B 107 -2.28 -13.69 1.10
N ILE B 108 -1.29 -12.91 1.54
CA ILE B 108 -1.04 -11.57 1.00
C ILE B 108 0.17 -11.71 0.09
N ALA B 109 -0.01 -11.48 -1.20
CA ALA B 109 1.06 -11.59 -2.19
C ALA B 109 1.44 -10.20 -2.68
N ALA B 110 2.74 -10.01 -2.95
CA ALA B 110 3.21 -8.72 -3.43
C ALA B 110 4.28 -8.94 -4.49
N LEU B 111 4.24 -8.12 -5.53
CA LEU B 111 5.22 -8.15 -6.62
C LEU B 111 5.93 -6.80 -6.65
N LEU B 112 7.25 -6.80 -6.55
CA LEU B 112 7.99 -5.56 -6.31
C LEU B 112 8.85 -5.15 -7.51
N SER B 113 8.83 -3.85 -7.82
CA SER B 113 9.80 -3.17 -8.68
C SER B 113 10.28 -1.93 -7.95
N PRO B 114 11.38 -1.32 -8.41
CA PRO B 114 11.91 -0.15 -7.67
C PRO B 114 10.93 1.01 -7.57
N TYR B 115 10.13 1.28 -8.61
CA TYR B 115 9.18 2.40 -8.59
C TYR B 115 7.71 1.95 -8.62
N SER B 116 7.43 0.68 -8.28
CA SER B 116 6.07 0.18 -8.43
CA SER B 116 6.07 0.17 -8.43
C SER B 116 5.91 -1.09 -7.59
N TYR B 117 4.69 -1.35 -7.14
CA TYR B 117 4.39 -2.65 -6.55
C TYR B 117 2.91 -2.95 -6.73
N SER B 118 2.60 -4.23 -6.68
CA SER B 118 1.21 -4.68 -6.76
CA SER B 118 1.20 -4.68 -6.75
C SER B 118 0.98 -5.70 -5.65
N THR B 119 -0.23 -5.69 -5.10
CA THR B 119 -0.53 -6.63 -4.03
C THR B 119 -1.91 -7.22 -4.29
N THR B 120 -2.06 -8.50 -3.96
CA THR B 120 -3.37 -9.15 -4.06
CA THR B 120 -3.32 -9.22 -4.11
C THR B 120 -3.54 -10.05 -2.85
N ALA B 121 -4.80 -10.38 -2.59
CA ALA B 121 -5.12 -11.25 -1.46
C ALA B 121 -5.83 -12.50 -1.97
N VAL B 122 -5.46 -13.65 -1.40
CA VAL B 122 -6.20 -14.90 -1.63
C VAL B 122 -6.82 -15.30 -0.30
N VAL B 123 -8.16 -15.40 -0.26
CA VAL B 123 -8.88 -15.64 0.98
C VAL B 123 -9.66 -16.94 0.82
N THR B 124 -9.38 -17.92 1.69
CA THR B 124 -10.03 -19.23 1.60
C THR B 124 -10.70 -19.57 2.92
N ASN B 125 -11.75 -20.39 2.84
CA ASN B 125 -12.50 -20.82 4.01
C ASN B 125 -12.14 -22.26 4.33
N PRO B 126 -11.51 -22.56 5.47
CA PRO B 126 -11.00 -23.90 5.73
C PRO B 126 -12.06 -24.87 6.26
B01 S2B C . -0.34 -1.61 -11.55
B02 S2B C . -2.50 8.95 -18.15
C01 S2B C . -1.96 7.65 -17.36
C02 S2B C . -2.73 6.57 -17.78
C03 S2B C . -2.58 5.25 -17.33
C04 S2B C . -1.57 5.02 -16.39
C05 S2B C . -0.57 2.27 -12.38
C06 S2B C . -0.33 1.17 -11.56
C07 S2B C . -0.98 -1.69 -13.76
C08 S2B C . -1.35 3.58 -15.83
C09 S2B C . -1.18 3.44 -14.50
C10 S2B C . -0.48 -0.10 -12.09
C11 S2B C . -0.88 -0.24 -13.43
C12 S2B C . -1.12 0.85 -14.27
C13 S2B C . -0.96 2.12 -13.72
C14 S2B C . -0.78 6.09 -15.94
C15 S2B C . -0.96 7.39 -16.41
C16 S2B C . -3.73 7.05 -18.77
O01 S2B C . -3.09 10.03 -17.31
O02 S2B C . -1.57 9.60 -19.04
O03 S2B C . -0.69 -2.49 -12.75
O04 S2B C . -4.57 6.35 -19.35
O07 S2B C . -3.63 8.33 -18.99
O08 S2B C . -1.31 -2.16 -14.86
B01 S2B D . 0.47 -7.48 -8.73
B02 S2B D . 2.88 -19.57 -5.47
C01 S2B D . 2.62 -18.10 -6.11
C02 S2B D . 1.68 -17.46 -5.31
C03 S2B D . 1.20 -16.18 -5.54
C04 S2B D . 1.69 -15.47 -6.63
C05 S2B D . 1.02 -10.81 -6.54
C06 S2B D . 0.61 -9.47 -6.72
C07 S2B D . 1.38 -8.91 -10.28
C08 S2B D . 1.17 -14.02 -6.89
C09 S2B D . 2.01 -13.05 -7.34
C10 S2B D . 0.76 -8.90 -7.99
C11 S2B D . 1.30 -9.68 -9.02
C12 S2B D . 1.72 -11.01 -8.84
C13 S2B D . 1.56 -11.58 -7.58
C14 S2B D . 2.64 -16.07 -7.46
C15 S2B D . 3.12 -17.38 -7.21
C16 S2B D . 1.29 -18.38 -4.21
O01 S2B D . 2.52 -20.76 -6.31
O02 S2B D . 4.21 -19.81 -4.94
O03 S2B D . 0.93 -7.67 -10.18
O04 S2B D . 0.46 -18.13 -3.31
O07 S2B D . 1.92 -19.52 -4.28
O08 S2B D . 1.83 -9.34 -11.35
#